data_9AV3
#
_entry.id   9AV3
#
_cell.length_a   113.760
_cell.length_b   113.760
_cell.length_c   55.502
_cell.angle_alpha   90.00
_cell.angle_beta   90.00
_cell.angle_gamma   90.00
#
_symmetry.space_group_name_H-M   'I 4'
#
loop_
_entity.id
_entity.type
_entity.pdbx_description
1 polymer "Inosine-5'-monophosphate dehydrogenase"
2 non-polymer 'INOSINIC ACID'
3 non-polymer 9-{(1R)-1-[(5P)-5-(4-chloro-1H-imidazol-2-yl)pyridin-3-yl]ethoxy}-1,4-dihydro-2H-pyrano[3,4-c]quinoline
4 water water
#
_entity_poly.entity_id   1
_entity_poly.type   'polypeptide(L)'
_entity_poly.pdbx_seq_one_letter_code
;MHHHHHHGENLYFQGSLRIAKEALTFDDVLLVPAHSTVLPNTADLSTQLTKTIRLNIPMLSAAMDTVTEARLAIALAQEG
GIGFIHKNMSIERQAEEVRRVKKHSGGLRVGAAVGAGAGNEERVDALVAAGVDVLLIDSSHGHSEGVLQRIRETRAKYPD
LQIIGGNVATAAGARALAEAGCSAVKVGIGPGSICTTRIVTGVGVPQITAVADAVEALEGTGIPVIADGGIRFSGDIAKA
IAAGASAVMVGSMLAGTEESPGEIELYQGRSYKSYRGMGSLGAMSKGSSDRYFQSDNAADKLVPEGIEGRVAYKGRLKEI
IHQQMGGLRSCMGLTGCGTIDELRTKAEFVRISGAGIQESHVHDVTITKESPNYRLGSGNS
;
_entity_poly.pdbx_strand_id   A
#
loop_
_chem_comp.id
_chem_comp.type
_chem_comp.name
_chem_comp.formula
A1AG0 non-polymer 9-{(1R)-1-[(5P)-5-(4-chloro-1H-imidazol-2-yl)pyridin-3-yl]ethoxy}-1,4-dihydro-2H-pyrano[3,4-c]quinoline 'C22 H19 Cl N4 O2'
IMP non-polymer 'INOSINIC ACID' 'C10 H13 N4 O8 P'
#
# COMPACT_ATOMS: atom_id res chain seq x y z
N SER A 16 -33.22 -14.17 8.11
CA SER A 16 -32.81 -13.74 6.78
C SER A 16 -31.29 -13.56 6.71
N LEU A 17 -30.71 -13.85 5.53
CA LEU A 17 -29.27 -13.74 5.33
C LEU A 17 -28.81 -12.28 5.51
N ARG A 18 -27.83 -12.04 6.41
CA ARG A 18 -27.33 -10.69 6.73
C ARG A 18 -26.34 -10.14 5.67
N ILE A 19 -26.86 -9.84 4.45
CA ILE A 19 -26.05 -9.28 3.36
C ILE A 19 -26.10 -7.77 3.42
N ALA A 20 -24.98 -7.16 3.82
CA ALA A 20 -24.81 -5.71 3.93
C ALA A 20 -24.97 -4.99 2.59
N LYS A 21 -24.45 -5.60 1.49
CA LYS A 21 -24.44 -5.03 0.14
C LYS A 21 -23.69 -5.94 -0.84
N GLU A 22 -23.74 -5.61 -2.12
CA GLU A 22 -22.92 -6.28 -3.13
C GLU A 22 -21.58 -5.52 -3.15
N ALA A 23 -20.46 -6.20 -3.39
CA ALA A 23 -19.15 -5.53 -3.40
C ALA A 23 -18.39 -5.89 -4.66
N LEU A 24 -17.70 -4.88 -5.24
CA LEU A 24 -17.00 -4.95 -6.53
C LEU A 24 -15.48 -4.98 -6.42
N THR A 25 -14.85 -5.76 -7.31
CA THR A 25 -13.39 -5.88 -7.38
C THR A 25 -12.94 -5.18 -8.66
N PHE A 26 -11.62 -5.10 -8.89
CA PHE A 26 -11.09 -4.43 -10.08
C PHE A 26 -11.71 -4.91 -11.40
N ASP A 27 -11.83 -6.23 -11.56
CA ASP A 27 -12.33 -6.79 -12.83
C ASP A 27 -13.84 -6.56 -13.07
N ASP A 28 -14.58 -6.07 -12.06
CA ASP A 28 -16.01 -5.80 -12.22
C ASP A 28 -16.33 -4.49 -12.90
N VAL A 29 -15.32 -3.59 -12.99
CA VAL A 29 -15.50 -2.25 -13.52
C VAL A 29 -14.49 -1.83 -14.59
N LEU A 30 -14.85 -0.80 -15.38
CA LEU A 30 -13.97 -0.16 -16.34
C LEU A 30 -14.19 1.33 -16.22
N LEU A 31 -13.14 2.11 -16.49
CA LEU A 31 -13.22 3.57 -16.45
C LEU A 31 -13.78 4.11 -17.76
N VAL A 32 -14.57 5.17 -17.67
CA VAL A 32 -15.25 5.74 -18.82
C VAL A 32 -14.41 6.84 -19.49
N PRO A 33 -14.20 6.77 -20.82
CA PRO A 33 -13.47 7.88 -21.48
C PRO A 33 -14.31 9.18 -21.47
N ALA A 34 -13.66 10.34 -21.33
CA ALA A 34 -14.39 11.59 -21.23
C ALA A 34 -13.69 12.71 -21.99
N HIS A 35 -14.38 13.84 -22.14
CA HIS A 35 -13.80 15.03 -22.77
C HIS A 35 -12.43 15.31 -22.13
N SER A 36 -11.41 15.56 -22.96
CA SER A 36 -10.07 15.76 -22.43
C SER A 36 -9.27 16.85 -23.13
N THR A 37 -8.55 17.65 -22.32
CA THR A 37 -7.56 18.64 -22.78
C THR A 37 -6.20 18.17 -22.24
N VAL A 38 -6.17 16.93 -21.72
CA VAL A 38 -5.01 16.29 -21.09
C VAL A 38 -4.30 15.32 -22.02
N LEU A 39 -3.02 15.60 -22.34
CA LEU A 39 -2.19 14.67 -23.10
C LEU A 39 -1.50 13.83 -22.03
N PRO A 40 -1.26 12.50 -22.24
CA PRO A 40 -0.63 11.69 -21.18
C PRO A 40 0.70 12.22 -20.62
N ASN A 41 1.55 12.81 -21.47
CA ASN A 41 2.84 13.37 -21.05
C ASN A 41 2.71 14.62 -20.14
N THR A 42 1.53 15.28 -20.13
CA THR A 42 1.25 16.48 -19.34
C THR A 42 0.61 16.18 -17.96
N ALA A 43 0.13 14.94 -17.73
CA ALA A 43 -0.51 14.54 -16.46
C ALA A 43 0.41 14.66 -15.24
N ASP A 44 -0.14 15.23 -14.14
CA ASP A 44 0.58 15.41 -12.88
C ASP A 44 0.25 14.24 -11.96
N LEU A 45 1.26 13.45 -11.60
CA LEU A 45 1.13 12.28 -10.77
C LEU A 45 1.33 12.50 -9.26
N SER A 46 1.60 13.76 -8.84
CA SER A 46 1.84 14.04 -7.42
C SER A 46 0.60 13.80 -6.59
N THR A 47 0.79 13.38 -5.33
CA THR A 47 -0.35 13.11 -4.43
C THR A 47 0.02 13.36 -2.98
N GLN A 48 -0.99 13.70 -2.15
CA GLN A 48 -0.74 13.86 -0.72
C GLN A 48 -0.92 12.50 -0.07
N LEU A 49 0.18 11.93 0.48
CA LEU A 49 0.16 10.67 1.22
C LEU A 49 -0.49 10.95 2.60
N THR A 50 -0.18 12.14 3.16
CA THR A 50 -0.71 12.69 4.42
C THR A 50 -0.86 14.21 4.19
N LYS A 51 -1.36 14.98 5.18
CA LYS A 51 -1.48 16.44 5.04
C LYS A 51 -0.11 17.13 4.88
N THR A 52 0.97 16.51 5.42
CA THR A 52 2.33 17.06 5.37
C THR A 52 3.26 16.41 4.34
N ILE A 53 3.00 15.14 3.94
CA ILE A 53 3.84 14.39 2.99
C ILE A 53 3.20 14.30 1.60
N ARG A 54 3.86 14.92 0.60
CA ARG A 54 3.43 14.88 -0.79
C ARG A 54 4.42 14.04 -1.58
N LEU A 55 3.91 13.01 -2.29
CA LEU A 55 4.74 12.13 -3.11
C LEU A 55 4.65 12.59 -4.56
N ASN A 56 5.67 12.30 -5.39
CA ASN A 56 5.70 12.65 -6.81
C ASN A 56 4.95 11.62 -7.66
N ILE A 57 4.88 10.36 -7.19
CA ILE A 57 4.12 9.25 -7.80
C ILE A 57 3.24 8.56 -6.72
N PRO A 58 2.00 8.09 -7.05
CA PRO A 58 1.16 7.47 -6.00
C PRO A 58 1.48 6.00 -5.70
N MET A 59 2.78 5.69 -5.45
CA MET A 59 3.30 4.35 -5.22
C MET A 59 4.01 4.18 -3.90
N LEU A 60 3.57 3.17 -3.15
CA LEU A 60 4.08 2.74 -1.88
C LEU A 60 4.50 1.28 -2.03
N SER A 61 5.68 0.92 -1.55
CA SER A 61 6.05 -0.49 -1.63
C SER A 61 5.61 -1.21 -0.35
N ALA A 62 5.16 -2.49 -0.48
CA ALA A 62 4.67 -3.30 0.62
C ALA A 62 5.72 -3.55 1.70
N ALA A 63 5.29 -3.54 2.96
CA ALA A 63 6.14 -3.82 4.12
C ALA A 63 6.28 -5.34 4.25
N MET A 64 6.96 -5.94 3.26
CA MET A 64 7.14 -7.40 3.20
C MET A 64 8.61 -7.79 3.12
N ASP A 65 9.00 -8.94 3.73
CA ASP A 65 10.40 -9.39 3.78
C ASP A 65 10.95 -9.89 2.43
N THR A 66 10.09 -9.94 1.38
CA THR A 66 10.48 -10.31 0.02
C THR A 66 10.30 -9.11 -0.90
N VAL A 67 10.00 -7.92 -0.33
CA VAL A 67 9.76 -6.72 -1.11
C VAL A 67 10.61 -5.51 -0.69
N THR A 68 10.43 -4.99 0.55
CA THR A 68 11.09 -3.73 0.90
C THR A 68 12.09 -3.77 2.05
N GLU A 69 13.32 -3.43 1.68
CA GLU A 69 14.44 -3.17 2.57
C GLU A 69 15.05 -1.87 2.06
N ALA A 70 16.13 -1.35 2.70
CA ALA A 70 16.71 -0.06 2.33
C ALA A 70 16.99 0.15 0.82
N ARG A 71 17.52 -0.87 0.11
CA ARG A 71 17.86 -0.77 -1.31
C ARG A 71 16.62 -0.47 -2.17
N LEU A 72 15.51 -1.20 -1.93
CA LEU A 72 14.27 -0.97 -2.69
C LEU A 72 13.64 0.36 -2.29
N ALA A 73 13.65 0.69 -0.97
CA ALA A 73 13.14 1.95 -0.44
C ALA A 73 13.87 3.16 -1.05
N ILE A 74 15.20 3.03 -1.29
CA ILE A 74 15.98 4.10 -1.94
C ILE A 74 15.55 4.26 -3.40
N ALA A 75 15.53 3.15 -4.18
CA ALA A 75 15.13 3.18 -5.59
C ALA A 75 13.73 3.76 -5.83
N LEU A 76 12.72 3.36 -5.02
CA LEU A 76 11.35 3.87 -5.17
C LEU A 76 11.22 5.36 -4.82
N ALA A 77 11.86 5.80 -3.72
CA ALA A 77 11.87 7.22 -3.29
C ALA A 77 12.47 8.09 -4.39
N GLN A 78 13.50 7.57 -5.09
CA GLN A 78 14.18 8.23 -6.22
C GLN A 78 13.22 8.42 -7.38
N GLU A 79 12.23 7.49 -7.53
CA GLU A 79 11.19 7.56 -8.58
C GLU A 79 10.00 8.47 -8.18
N GLY A 80 9.96 8.90 -6.92
CA GLY A 80 8.91 9.78 -6.43
C GLY A 80 7.93 9.13 -5.47
N GLY A 81 8.13 7.86 -5.17
CA GLY A 81 7.31 7.07 -4.25
C GLY A 81 7.88 6.97 -2.85
N ILE A 82 7.52 5.89 -2.10
CA ILE A 82 8.03 5.66 -0.72
C ILE A 82 7.98 4.17 -0.35
N GLY A 83 9.06 3.71 0.27
CA GLY A 83 9.19 2.34 0.74
C GLY A 83 8.84 2.18 2.20
N PHE A 84 8.46 0.96 2.57
CA PHE A 84 8.13 0.63 3.96
C PHE A 84 8.94 -0.56 4.40
N ILE A 85 9.98 -0.31 5.23
CA ILE A 85 10.86 -1.37 5.74
C ILE A 85 10.03 -2.31 6.60
N HIS A 86 10.01 -3.60 6.23
CA HIS A 86 9.25 -4.63 6.95
C HIS A 86 9.76 -4.84 8.39
N LYS A 87 8.87 -5.36 9.27
CA LYS A 87 9.13 -5.65 10.69
C LYS A 87 9.75 -7.04 10.99
N ASN A 88 10.00 -7.87 9.96
CA ASN A 88 10.56 -9.23 10.08
C ASN A 88 12.12 -9.23 10.22
N MET A 89 12.60 -8.42 11.18
CA MET A 89 14.03 -8.25 11.51
C MET A 89 14.16 -7.68 12.93
N SER A 90 15.40 -7.57 13.45
CA SER A 90 15.63 -7.01 14.77
C SER A 90 15.42 -5.50 14.75
N ILE A 91 15.19 -4.89 15.94
CA ILE A 91 14.99 -3.45 16.12
C ILE A 91 16.19 -2.67 15.56
N GLU A 92 17.42 -3.09 15.94
CA GLU A 92 18.69 -2.48 15.50
C GLU A 92 18.89 -2.55 13.99
N ARG A 93 18.53 -3.70 13.36
CA ARG A 93 18.66 -3.85 11.91
C ARG A 93 17.69 -2.91 11.18
N GLN A 94 16.44 -2.81 11.68
CA GLN A 94 15.40 -1.94 11.11
C GLN A 94 15.75 -0.46 11.22
N ALA A 95 16.22 -0.02 12.43
CA ALA A 95 16.63 1.37 12.67
C ALA A 95 17.79 1.74 11.73
N GLU A 96 18.70 0.78 11.46
CA GLU A 96 19.84 0.97 10.57
C GLU A 96 19.42 1.06 9.11
N GLU A 97 18.41 0.22 8.72
CA GLU A 97 17.83 0.23 7.37
C GLU A 97 17.21 1.58 7.09
N VAL A 98 16.54 2.18 8.11
CA VAL A 98 15.92 3.51 8.03
C VAL A 98 17.04 4.58 7.91
N ARG A 99 18.10 4.45 8.74
CA ARG A 99 19.26 5.36 8.70
C ARG A 99 19.94 5.35 7.33
N ARG A 100 20.12 4.17 6.71
CA ARG A 100 20.68 4.05 5.36
C ARG A 100 19.89 4.86 4.32
N VAL A 101 18.54 4.84 4.40
CA VAL A 101 17.71 5.59 3.45
C VAL A 101 17.77 7.09 3.73
N LYS A 102 17.65 7.48 5.03
CA LYS A 102 17.66 8.90 5.42
C LYS A 102 19.01 9.59 5.14
N LYS A 103 20.14 8.92 5.49
CA LYS A 103 21.51 9.43 5.32
C LYS A 103 21.99 9.46 3.86
N HIS A 104 21.33 8.68 2.95
CA HIS A 104 21.61 8.67 1.51
C HIS A 104 21.35 10.08 0.97
N SER A 105 22.09 10.52 -0.05
CA SER A 105 21.89 11.87 -0.59
C SER A 105 20.59 11.98 -1.39
N GLY A 106 20.07 13.21 -1.49
CA GLY A 106 18.84 13.48 -2.24
C GLY A 106 17.64 13.86 -1.39
N GLY A 107 17.77 13.72 -0.07
CA GLY A 107 16.73 14.04 0.91
C GLY A 107 15.52 13.14 0.77
N LEU A 108 15.78 11.83 0.70
CA LEU A 108 14.78 10.80 0.49
C LEU A 108 13.99 10.46 1.74
N ARG A 109 12.68 10.21 1.56
CA ARG A 109 11.75 9.84 2.61
C ARG A 109 11.61 8.32 2.72
N VAL A 110 11.40 7.83 3.95
CA VAL A 110 11.25 6.42 4.25
C VAL A 110 10.15 6.19 5.29
N GLY A 111 9.58 5.00 5.24
CA GLY A 111 8.59 4.51 6.18
C GLY A 111 9.08 3.19 6.74
N ALA A 112 8.55 2.79 7.91
CA ALA A 112 8.89 1.52 8.56
C ALA A 112 7.66 0.95 9.27
N ALA A 113 7.52 -0.38 9.22
CA ALA A 113 6.41 -1.11 9.81
C ALA A 113 6.67 -1.65 11.21
N VAL A 114 5.61 -1.62 12.05
CA VAL A 114 5.61 -2.13 13.42
C VAL A 114 4.32 -2.92 13.66
N GLY A 115 4.42 -3.98 14.46
CA GLY A 115 3.29 -4.79 14.88
C GLY A 115 2.44 -4.01 15.88
N ALA A 116 1.13 -4.29 15.91
CA ALA A 116 0.16 -3.60 16.77
C ALA A 116 -0.13 -4.37 18.05
N GLY A 117 0.87 -5.08 18.56
CA GLY A 117 0.79 -5.85 19.79
C GLY A 117 1.62 -5.22 20.89
N ALA A 118 1.67 -5.88 22.05
CA ALA A 118 2.45 -5.41 23.19
C ALA A 118 3.94 -5.68 23.00
N GLY A 119 4.76 -4.72 23.43
CA GLY A 119 6.22 -4.78 23.34
C GLY A 119 6.82 -4.24 22.06
N ASN A 120 6.21 -3.17 21.50
CA ASN A 120 6.67 -2.53 20.26
C ASN A 120 7.06 -1.09 20.48
N GLU A 121 6.85 -0.57 21.71
CA GLU A 121 7.20 0.79 22.13
C GLU A 121 8.68 1.05 21.86
N GLU A 122 9.54 0.07 22.20
CA GLU A 122 10.99 0.08 22.01
C GLU A 122 11.34 0.21 20.52
N ARG A 123 10.69 -0.62 19.66
CA ARG A 123 10.88 -0.59 18.20
C ARG A 123 10.47 0.76 17.61
N VAL A 124 9.35 1.33 18.07
CA VAL A 124 8.82 2.63 17.63
C VAL A 124 9.80 3.75 18.00
N ASP A 125 10.29 3.78 19.27
CA ASP A 125 11.23 4.78 19.78
C ASP A 125 12.53 4.82 18.95
N ALA A 126 13.05 3.64 18.59
CA ALA A 126 14.25 3.46 17.78
C ALA A 126 14.06 3.97 16.36
N LEU A 127 12.90 3.68 15.72
CA LEU A 127 12.59 4.13 14.37
C LEU A 127 12.46 5.65 14.29
N VAL A 128 11.81 6.29 15.31
CA VAL A 128 11.65 7.75 15.39
C VAL A 128 13.03 8.43 15.51
N ALA A 129 13.92 7.86 16.36
CA ALA A 129 15.30 8.32 16.59
C ALA A 129 16.11 8.20 15.29
N ALA A 130 15.94 7.07 14.57
CA ALA A 130 16.59 6.79 13.28
C ALA A 130 16.14 7.75 12.15
N GLY A 131 15.06 8.50 12.39
CA GLY A 131 14.54 9.51 11.47
C GLY A 131 13.43 9.08 10.53
N VAL A 132 12.63 8.06 10.91
CA VAL A 132 11.51 7.57 10.08
C VAL A 132 10.52 8.73 9.80
N ASP A 133 10.09 8.88 8.55
CA ASP A 133 9.18 9.96 8.13
C ASP A 133 7.73 9.59 8.39
N VAL A 134 7.43 8.29 8.32
CA VAL A 134 6.08 7.78 8.52
C VAL A 134 6.12 6.39 9.16
N LEU A 135 5.45 6.25 10.30
CA LEU A 135 5.38 4.98 11.01
C LEU A 135 4.14 4.24 10.52
N LEU A 136 4.32 2.97 10.17
CA LEU A 136 3.24 2.11 9.71
C LEU A 136 2.85 1.09 10.79
N ILE A 137 1.63 1.21 11.34
CA ILE A 137 1.13 0.21 12.27
C ILE A 137 0.55 -0.87 11.35
N ASP A 138 1.25 -1.99 11.26
CA ASP A 138 1.00 -3.09 10.33
C ASP A 138 0.17 -4.22 10.93
N SER A 139 -1.15 -4.17 10.70
CA SER A 139 -2.07 -5.20 11.20
C SER A 139 -2.89 -5.85 10.09
N SER A 140 -3.19 -7.14 10.28
CA SER A 140 -4.04 -7.94 9.37
C SER A 140 -5.52 -7.62 9.70
N HIS A 141 -5.74 -6.90 10.83
CA HIS A 141 -7.07 -6.48 11.27
C HIS A 141 -7.03 -5.17 12.03
N GLY A 142 -7.02 -4.07 11.29
CA GLY A 142 -6.97 -2.71 11.80
C GLY A 142 -8.14 -2.29 12.68
N HIS A 143 -9.30 -2.98 12.56
CA HIS A 143 -10.49 -2.63 13.33
C HIS A 143 -10.48 -3.28 14.72
N SER A 144 -9.39 -4.00 15.07
CA SER A 144 -9.20 -4.64 16.37
C SER A 144 -8.90 -3.54 17.41
N GLU A 145 -9.51 -3.67 18.62
CA GLU A 145 -9.36 -2.68 19.71
C GLU A 145 -7.90 -2.45 20.13
N GLY A 146 -7.12 -3.53 20.14
CA GLY A 146 -5.69 -3.51 20.44
C GLY A 146 -4.90 -2.62 19.51
N VAL A 147 -5.24 -2.64 18.20
CA VAL A 147 -4.61 -1.82 17.17
C VAL A 147 -4.94 -0.35 17.42
N LEU A 148 -6.24 -0.05 17.64
CA LEU A 148 -6.69 1.32 17.89
C LEU A 148 -6.02 1.92 19.13
N GLN A 149 -5.91 1.13 20.19
CA GLN A 149 -5.30 1.54 21.46
C GLN A 149 -3.81 1.92 21.27
N ARG A 150 -3.04 1.06 20.60
CA ARG A 150 -1.61 1.27 20.27
C ARG A 150 -1.41 2.53 19.44
N ILE A 151 -2.34 2.81 18.50
CA ILE A 151 -2.30 4.02 17.67
C ILE A 151 -2.52 5.28 18.55
N ARG A 152 -3.57 5.26 19.40
CA ARG A 152 -3.89 6.38 20.29
C ARG A 152 -2.70 6.73 21.19
N GLU A 153 -2.01 5.68 21.71
CA GLU A 153 -0.83 5.78 22.57
C GLU A 153 0.35 6.39 21.83
N THR A 154 0.62 5.90 20.59
CA THR A 154 1.70 6.41 19.73
C THR A 154 1.44 7.88 19.40
N ARG A 155 0.18 8.25 19.04
CA ARG A 155 -0.24 9.62 18.74
C ARG A 155 -0.01 10.56 19.95
N ALA A 156 -0.39 10.10 21.16
CA ALA A 156 -0.20 10.86 22.42
C ALA A 156 1.30 11.10 22.71
N LYS A 157 2.15 10.08 22.51
CA LYS A 157 3.59 10.16 22.73
C LYS A 157 4.28 11.04 21.66
N TYR A 158 3.99 10.80 20.37
CA TYR A 158 4.58 11.53 19.24
C TYR A 158 3.47 12.30 18.50
N PRO A 159 3.14 13.54 18.93
CA PRO A 159 1.99 14.26 18.34
C PRO A 159 2.10 14.70 16.87
N ASP A 160 3.33 14.84 16.36
CA ASP A 160 3.53 15.30 14.98
C ASP A 160 4.01 14.21 14.02
N LEU A 161 4.27 12.98 14.55
CA LEU A 161 4.69 11.81 13.77
C LEU A 161 3.57 11.39 12.79
N GLN A 162 3.94 11.20 11.51
CA GLN A 162 3.00 10.75 10.49
C GLN A 162 2.80 9.26 10.68
N ILE A 163 1.54 8.87 10.92
CA ILE A 163 1.19 7.48 11.20
C ILE A 163 0.21 6.94 10.16
N ILE A 164 0.49 5.74 9.62
CA ILE A 164 -0.43 5.03 8.74
C ILE A 164 -0.91 3.82 9.51
N GLY A 165 -2.22 3.68 9.61
CA GLY A 165 -2.85 2.54 10.25
C GLY A 165 -3.67 1.74 9.27
N GLY A 166 -3.64 0.43 9.45
CA GLY A 166 -4.38 -0.50 8.62
C GLY A 166 -4.24 -1.91 9.14
N ASN A 167 -4.91 -2.90 8.51
CA ASN A 167 -5.77 -2.68 7.35
C ASN A 167 -7.24 -2.78 7.73
N VAL A 168 -8.08 -1.99 7.02
CA VAL A 168 -9.54 -2.03 7.15
C VAL A 168 -10.20 -2.21 5.76
N ALA A 169 -11.51 -2.46 5.71
CA ALA A 169 -12.18 -2.58 4.42
C ALA A 169 -13.63 -2.10 4.51
N THR A 170 -13.92 -1.29 5.55
CA THR A 170 -15.27 -0.75 5.78
C THR A 170 -15.21 0.73 6.13
N ALA A 171 -16.37 1.39 6.07
CA ALA A 171 -16.52 2.80 6.47
C ALA A 171 -16.25 2.94 8.00
N ALA A 172 -16.82 2.04 8.81
CA ALA A 172 -16.63 2.06 10.28
C ALA A 172 -15.16 1.88 10.66
N GLY A 173 -14.46 0.98 9.95
CA GLY A 173 -13.02 0.72 10.14
C GLY A 173 -12.16 1.93 9.82
N ALA A 174 -12.49 2.66 8.73
CA ALA A 174 -11.77 3.89 8.32
C ALA A 174 -11.97 4.98 9.36
N ARG A 175 -13.22 5.17 9.84
CA ARG A 175 -13.52 6.17 10.88
C ARG A 175 -12.79 5.86 12.19
N ALA A 176 -12.73 4.57 12.59
CA ALA A 176 -12.05 4.13 13.82
C ALA A 176 -10.55 4.50 13.76
N LEU A 177 -9.88 4.18 12.63
CA LEU A 177 -8.46 4.53 12.44
C LEU A 177 -8.21 6.05 12.43
N ALA A 178 -9.06 6.84 11.75
CA ALA A 178 -8.93 8.31 11.70
C ALA A 178 -9.14 8.95 13.10
N GLU A 179 -10.08 8.41 13.86
CA GLU A 179 -10.37 8.89 15.23
C GLU A 179 -9.24 8.51 16.19
N ALA A 180 -8.58 7.36 15.97
CA ALA A 180 -7.46 6.89 16.78
C ALA A 180 -6.18 7.75 16.59
N GLY A 181 -6.15 8.61 15.55
CA GLY A 181 -5.03 9.49 15.27
C GLY A 181 -4.26 9.30 13.97
N CYS A 182 -4.63 8.29 13.15
CA CYS A 182 -3.96 8.02 11.85
C CYS A 182 -3.88 9.23 10.92
N SER A 183 -2.70 9.45 10.31
CA SER A 183 -2.46 10.51 9.34
C SER A 183 -2.95 10.02 7.96
N ALA A 184 -2.98 8.68 7.74
CA ALA A 184 -3.52 8.04 6.54
C ALA A 184 -4.05 6.66 6.93
N VAL A 185 -5.08 6.19 6.21
CA VAL A 185 -5.72 4.90 6.44
C VAL A 185 -5.43 3.95 5.28
N LYS A 186 -4.98 2.74 5.60
CA LYS A 186 -4.70 1.70 4.61
C LYS A 186 -5.87 0.69 4.51
N VAL A 187 -6.34 0.49 3.28
CA VAL A 187 -7.47 -0.39 2.94
C VAL A 187 -7.03 -1.63 2.21
N GLY A 188 -7.52 -2.76 2.69
CA GLY A 188 -7.28 -4.05 2.09
C GLY A 188 -7.41 -5.22 3.02
N ILE A 189 -8.57 -5.93 2.94
CA ILE A 189 -8.81 -7.16 3.68
C ILE A 189 -9.13 -8.23 2.62
N GLY A 190 -8.14 -9.10 2.37
CA GLY A 190 -8.21 -10.19 1.40
C GLY A 190 -7.84 -9.95 -0.07
N PRO A 191 -7.49 -8.73 -0.58
CA PRO A 191 -7.24 -8.63 -2.03
C PRO A 191 -5.85 -9.04 -2.53
N GLY A 192 -4.89 -9.21 -1.62
CA GLY A 192 -3.50 -9.53 -1.94
C GLY A 192 -3.32 -10.74 -2.82
N SER A 193 -2.36 -10.67 -3.77
CA SER A 193 -2.10 -11.78 -4.69
C SER A 193 -1.70 -13.06 -3.93
N ILE A 194 -1.05 -12.90 -2.78
CA ILE A 194 -0.58 -14.02 -1.96
C ILE A 194 -1.50 -14.32 -0.73
N CYS A 195 -2.67 -13.70 -0.70
CA CYS A 195 -3.61 -13.88 0.42
C CYS A 195 -4.43 -15.18 0.30
N THR A 196 -4.66 -15.85 1.45
CA THR A 196 -5.54 -17.02 1.49
C THR A 196 -6.63 -16.84 2.55
N THR A 197 -6.78 -15.63 3.12
CA THR A 197 -7.79 -15.42 4.18
C THR A 197 -9.20 -15.70 3.69
N ARG A 198 -9.50 -15.47 2.38
CA ARG A 198 -10.85 -15.73 1.86
C ARG A 198 -11.19 -17.20 2.00
N ILE A 199 -10.21 -18.09 1.84
CA ILE A 199 -10.40 -19.53 1.95
C ILE A 199 -10.27 -20.02 3.42
N VAL A 200 -9.33 -19.46 4.18
CA VAL A 200 -9.04 -19.82 5.58
C VAL A 200 -10.14 -19.36 6.57
N THR A 201 -10.52 -18.07 6.52
CA THR A 201 -11.48 -17.48 7.45
C THR A 201 -12.84 -17.18 6.83
N GLY A 202 -12.89 -17.15 5.50
CA GLY A 202 -14.13 -16.80 4.81
C GLY A 202 -14.38 -15.30 4.78
N VAL A 203 -13.42 -14.50 5.28
CA VAL A 203 -13.50 -13.03 5.39
C VAL A 203 -12.79 -12.32 4.22
N GLY A 204 -13.39 -11.21 3.78
CA GLY A 204 -12.85 -10.34 2.74
C GLY A 204 -13.83 -9.35 2.18
N VAL A 205 -13.32 -8.25 1.62
CA VAL A 205 -14.14 -7.26 0.94
C VAL A 205 -13.50 -6.94 -0.43
N PRO A 206 -14.20 -7.17 -1.57
CA PRO A 206 -13.68 -6.74 -2.89
C PRO A 206 -13.22 -5.26 -2.84
N GLN A 207 -11.98 -5.03 -3.32
CA GLN A 207 -11.18 -3.82 -3.14
C GLN A 207 -11.77 -2.54 -3.65
N ILE A 208 -12.47 -2.56 -4.78
CA ILE A 208 -13.06 -1.32 -5.32
C ILE A 208 -14.13 -0.78 -4.34
N THR A 209 -15.03 -1.66 -3.84
CA THR A 209 -16.02 -1.25 -2.83
C THR A 209 -15.35 -0.85 -1.49
N ALA A 210 -14.37 -1.66 -1.03
CA ALA A 210 -13.65 -1.40 0.21
C ALA A 210 -13.05 0.03 0.20
N VAL A 211 -12.35 0.41 -0.90
CA VAL A 211 -11.74 1.73 -1.02
C VAL A 211 -12.77 2.86 -1.03
N ALA A 212 -13.81 2.76 -1.88
CA ALA A 212 -14.84 3.80 -2.00
C ALA A 212 -15.57 4.03 -0.67
N ASP A 213 -15.82 2.94 0.06
CA ASP A 213 -16.51 3.00 1.36
C ASP A 213 -15.65 3.76 2.37
N ALA A 214 -14.35 3.41 2.46
CA ALA A 214 -13.40 4.06 3.36
C ALA A 214 -13.21 5.55 3.04
N VAL A 215 -13.12 5.91 1.73
CA VAL A 215 -13.00 7.29 1.21
C VAL A 215 -14.25 8.11 1.55
N GLU A 216 -15.44 7.56 1.32
CA GLU A 216 -16.70 8.25 1.64
C GLU A 216 -16.76 8.56 3.14
N ALA A 217 -16.35 7.59 3.99
CA ALA A 217 -16.34 7.74 5.45
C ALA A 217 -15.42 8.88 5.91
N LEU A 218 -14.31 9.09 5.18
CA LEU A 218 -13.32 10.09 5.51
C LEU A 218 -13.43 11.39 4.76
N GLU A 219 -14.53 11.60 3.99
CA GLU A 219 -14.66 12.86 3.24
C GLU A 219 -14.75 14.05 4.20
N GLY A 220 -14.02 15.10 3.88
CA GLY A 220 -13.91 16.33 4.66
C GLY A 220 -12.86 16.32 5.75
N THR A 221 -12.24 15.16 6.03
CA THR A 221 -11.25 15.01 7.11
C THR A 221 -9.81 15.30 6.70
N GLY A 222 -9.55 15.25 5.39
CA GLY A 222 -8.20 15.43 4.86
C GLY A 222 -7.27 14.25 5.13
N ILE A 223 -7.83 13.08 5.55
CA ILE A 223 -7.05 11.87 5.84
C ILE A 223 -7.07 10.99 4.57
N PRO A 224 -5.93 10.85 3.86
CA PRO A 224 -5.91 10.04 2.62
C PRO A 224 -6.09 8.53 2.85
N VAL A 225 -6.60 7.84 1.82
CA VAL A 225 -6.78 6.38 1.82
C VAL A 225 -5.75 5.75 0.85
N ILE A 226 -5.09 4.69 1.32
CA ILE A 226 -4.13 3.92 0.56
C ILE A 226 -4.81 2.59 0.18
N ALA A 227 -4.84 2.28 -1.14
CA ALA A 227 -5.39 1.03 -1.66
C ALA A 227 -4.29 -0.03 -1.66
N ASP A 228 -4.38 -0.93 -0.72
CA ASP A 228 -3.36 -1.95 -0.51
C ASP A 228 -3.77 -3.36 -0.90
N GLY A 229 -3.13 -3.91 -1.93
CA GLY A 229 -3.35 -5.30 -2.34
C GLY A 229 -4.14 -5.48 -3.63
N GLY A 230 -3.80 -6.54 -4.37
CA GLY A 230 -4.48 -6.89 -5.61
C GLY A 230 -4.17 -6.10 -6.86
N ILE A 231 -3.22 -5.12 -6.81
CA ILE A 231 -2.82 -4.35 -7.98
C ILE A 231 -1.97 -5.31 -8.85
N ARG A 232 -2.47 -5.68 -10.04
CA ARG A 232 -1.73 -6.58 -10.93
C ARG A 232 -1.17 -5.82 -12.12
N PHE A 233 -1.95 -4.83 -12.61
CA PHE A 233 -1.66 -4.00 -13.80
C PHE A 233 -1.85 -2.54 -13.49
N SER A 234 -1.34 -1.66 -14.39
CA SER A 234 -1.47 -0.20 -14.25
C SER A 234 -2.94 0.23 -14.29
N GLY A 235 -3.77 -0.55 -14.97
CA GLY A 235 -5.21 -0.33 -15.03
C GLY A 235 -5.84 -0.44 -13.64
N ASP A 236 -5.34 -1.39 -12.79
CA ASP A 236 -5.78 -1.56 -11.39
C ASP A 236 -5.42 -0.30 -10.58
N ILE A 237 -4.24 0.31 -10.86
CA ILE A 237 -3.78 1.53 -10.17
C ILE A 237 -4.77 2.65 -10.41
N ALA A 238 -5.11 2.88 -11.68
CA ALA A 238 -6.04 3.89 -12.17
C ALA A 238 -7.43 3.70 -11.50
N LYS A 239 -7.92 2.46 -11.47
CA LYS A 239 -9.23 2.12 -10.87
C LYS A 239 -9.25 2.42 -9.37
N ALA A 240 -8.19 2.03 -8.65
CA ALA A 240 -8.09 2.24 -7.21
C ALA A 240 -8.13 3.73 -6.90
N ILE A 241 -7.41 4.55 -7.68
CA ILE A 241 -7.40 6.01 -7.51
C ILE A 241 -8.76 6.62 -7.82
N ALA A 242 -9.41 6.25 -8.94
CA ALA A 242 -10.74 6.77 -9.26
C ALA A 242 -11.81 6.28 -8.24
N ALA A 243 -11.54 5.15 -7.51
CA ALA A 243 -12.41 4.66 -6.41
C ALA A 243 -12.22 5.59 -5.17
N GLY A 244 -11.21 6.47 -5.22
CA GLY A 244 -10.95 7.47 -4.19
C GLY A 244 -9.62 7.42 -3.47
N ALA A 245 -8.78 6.37 -3.71
CA ALA A 245 -7.49 6.24 -3.04
C ALA A 245 -6.53 7.31 -3.54
N SER A 246 -5.71 7.85 -2.63
CA SER A 246 -4.72 8.87 -2.92
C SER A 246 -3.44 8.24 -3.44
N ALA A 247 -3.21 6.97 -3.07
CA ALA A 247 -2.04 6.19 -3.45
C ALA A 247 -2.37 4.72 -3.35
N VAL A 248 -1.49 3.88 -3.94
CA VAL A 248 -1.60 2.42 -3.89
C VAL A 248 -0.35 1.83 -3.24
N MET A 249 -0.53 0.67 -2.64
CA MET A 249 0.57 -0.08 -2.06
C MET A 249 0.67 -1.39 -2.81
N VAL A 250 1.90 -1.70 -3.29
CA VAL A 250 2.14 -2.86 -4.14
C VAL A 250 3.20 -3.83 -3.56
N GLY A 251 2.91 -5.11 -3.69
CA GLY A 251 3.77 -6.20 -3.27
C GLY A 251 4.31 -6.96 -4.46
N SER A 252 3.44 -7.74 -5.12
CA SER A 252 3.87 -8.57 -6.27
C SER A 252 4.44 -7.75 -7.44
N MET A 253 3.94 -6.52 -7.69
CA MET A 253 4.40 -5.62 -8.74
C MET A 253 5.92 -5.25 -8.58
N LEU A 254 6.42 -5.22 -7.34
CA LEU A 254 7.82 -4.88 -7.06
C LEU A 254 8.66 -6.07 -6.63
N ALA A 255 8.01 -7.22 -6.36
CA ALA A 255 8.73 -8.45 -6.00
C ALA A 255 9.48 -8.92 -7.27
N GLY A 256 10.63 -9.54 -7.08
CA GLY A 256 11.45 -9.99 -8.21
C GLY A 256 12.29 -8.90 -8.85
N THR A 257 12.20 -7.65 -8.38
CA THR A 257 13.04 -6.57 -8.91
C THR A 257 14.47 -6.73 -8.35
N GLU A 258 15.46 -6.16 -9.03
CA GLU A 258 16.87 -6.21 -8.63
C GLU A 258 17.05 -5.66 -7.18
N GLU A 259 16.38 -4.56 -6.87
CA GLU A 259 16.48 -3.83 -5.59
C GLU A 259 15.80 -4.50 -4.40
N SER A 260 14.84 -5.42 -4.63
CA SER A 260 14.13 -6.15 -3.56
C SER A 260 15.10 -7.09 -2.81
N PRO A 261 14.86 -7.44 -1.52
CA PRO A 261 15.79 -8.33 -0.82
C PRO A 261 15.77 -9.78 -1.34
N GLY A 262 16.69 -10.59 -0.83
CA GLY A 262 16.81 -11.98 -1.22
C GLY A 262 17.66 -12.18 -2.45
N GLU A 263 17.99 -13.45 -2.75
CA GLU A 263 18.83 -13.86 -3.85
C GLU A 263 18.03 -14.22 -5.09
N ILE A 264 18.64 -14.03 -6.28
CA ILE A 264 18.04 -14.43 -7.54
C ILE A 264 18.35 -15.93 -7.69
N GLU A 265 17.33 -16.72 -7.99
CA GLU A 265 17.44 -18.18 -8.16
C GLU A 265 17.16 -18.59 -9.62
N LEU A 266 17.82 -19.66 -10.09
CA LEU A 266 17.63 -20.19 -11.45
C LEU A 266 16.91 -21.53 -11.38
N TYR A 267 15.82 -21.69 -12.16
CA TYR A 267 15.05 -22.94 -12.18
C TYR A 267 15.41 -23.77 -13.42
N GLN A 268 14.82 -23.45 -14.59
CA GLN A 268 15.13 -24.16 -15.83
C GLN A 268 16.22 -23.38 -16.56
N GLY A 269 15.92 -22.13 -16.88
CA GLY A 269 16.81 -21.18 -17.52
C GLY A 269 16.48 -19.77 -17.08
N ARG A 270 15.18 -19.55 -16.75
CA ARG A 270 14.61 -18.29 -16.28
C ARG A 270 15.02 -17.98 -14.84
N SER A 271 15.27 -16.69 -14.56
CA SER A 271 15.64 -16.20 -13.23
C SER A 271 14.35 -15.91 -12.41
N TYR A 272 14.40 -16.20 -11.10
CA TYR A 272 13.29 -16.03 -10.18
C TYR A 272 13.72 -15.49 -8.82
N LYS A 273 12.76 -14.92 -8.07
CA LYS A 273 12.96 -14.46 -6.71
C LYS A 273 11.78 -14.94 -5.88
N SER A 274 11.98 -15.07 -4.56
CA SER A 274 10.95 -15.49 -3.62
C SER A 274 9.95 -14.35 -3.39
N TYR A 275 8.66 -14.70 -3.25
CA TYR A 275 7.59 -13.75 -2.91
C TYR A 275 6.63 -14.53 -2.02
N ARG A 276 6.41 -14.04 -0.79
CA ARG A 276 5.55 -14.74 0.16
C ARG A 276 4.77 -13.76 1.03
N GLY A 277 3.61 -14.20 1.49
CA GLY A 277 2.82 -13.38 2.40
C GLY A 277 3.52 -13.33 3.76
N MET A 278 3.28 -12.26 4.52
CA MET A 278 3.85 -12.14 5.86
C MET A 278 3.15 -13.10 6.84
N GLY A 279 2.04 -13.67 6.38
CA GLY A 279 1.22 -14.64 7.08
C GLY A 279 1.41 -16.06 6.56
N SER A 280 2.48 -16.27 5.76
CA SER A 280 2.83 -17.59 5.25
C SER A 280 3.60 -18.38 6.33
N LEU A 281 3.68 -19.72 6.20
CA LEU A 281 4.39 -20.56 7.15
C LEU A 281 5.87 -20.16 7.29
N GLY A 282 6.51 -19.87 6.16
CA GLY A 282 7.91 -19.43 6.07
C GLY A 282 8.20 -18.10 6.74
N ALA A 283 7.36 -17.07 6.46
CA ALA A 283 7.50 -15.74 7.05
C ALA A 283 7.23 -15.73 8.57
N MET A 284 6.40 -16.67 9.03
CA MET A 284 6.04 -16.82 10.44
C MET A 284 7.15 -17.49 11.25
N SER A 285 7.82 -18.52 10.69
CA SER A 285 8.90 -19.23 11.37
C SER A 285 10.22 -18.44 11.35
N LYS A 301 0.08 -19.10 18.10
CA LYS A 301 0.15 -20.05 16.98
C LYS A 301 -1.05 -19.90 16.01
N LEU A 302 -0.93 -18.95 15.08
CA LEU A 302 -1.97 -18.68 14.08
C LEU A 302 -1.85 -19.60 12.87
N VAL A 303 -2.99 -19.94 12.26
CA VAL A 303 -3.00 -20.74 11.03
C VAL A 303 -2.55 -19.79 9.89
N PRO A 304 -1.73 -20.24 8.91
CA PRO A 304 -1.29 -19.30 7.85
C PRO A 304 -2.46 -18.67 7.07
N GLU A 305 -2.30 -17.40 6.67
CA GLU A 305 -3.30 -16.72 5.84
C GLU A 305 -2.65 -16.23 4.55
N GLY A 306 -1.51 -16.81 4.23
CA GLY A 306 -0.75 -16.44 3.04
C GLY A 306 0.06 -17.57 2.44
N ILE A 307 0.40 -17.44 1.16
CA ILE A 307 1.18 -18.48 0.47
C ILE A 307 2.65 -18.09 0.28
N GLU A 308 3.50 -19.08 -0.10
CA GLU A 308 4.93 -18.93 -0.42
C GLU A 308 5.06 -19.26 -1.89
N GLY A 309 5.61 -18.33 -2.66
CA GLY A 309 5.77 -18.52 -4.10
C GLY A 309 7.07 -18.00 -4.68
N ARG A 310 7.25 -18.25 -5.98
CA ARG A 310 8.36 -17.80 -6.82
C ARG A 310 7.77 -16.82 -7.82
N VAL A 311 8.46 -15.71 -8.02
CA VAL A 311 8.09 -14.67 -8.96
C VAL A 311 9.26 -14.50 -9.96
N ALA A 312 8.96 -14.27 -11.25
CA ALA A 312 10.00 -14.08 -12.27
C ALA A 312 10.82 -12.81 -12.00
N TYR A 313 12.13 -12.86 -12.28
CA TYR A 313 13.02 -11.71 -12.10
C TYR A 313 12.58 -10.60 -13.07
N LYS A 314 12.22 -9.42 -12.51
CA LYS A 314 11.67 -8.25 -13.22
C LYS A 314 12.69 -7.20 -13.71
N GLY A 315 13.92 -7.28 -13.20
CA GLY A 315 14.98 -6.34 -13.53
C GLY A 315 14.95 -5.13 -12.62
N ARG A 316 15.43 -3.98 -13.14
CA ARG A 316 15.46 -2.72 -12.39
C ARG A 316 14.06 -2.16 -12.18
N LEU A 317 13.82 -1.66 -10.97
CA LEU A 317 12.59 -1.03 -10.48
C LEU A 317 12.21 0.17 -11.37
N LYS A 318 13.20 0.99 -11.81
CA LYS A 318 13.01 2.17 -12.65
C LYS A 318 12.18 1.89 -13.91
N GLU A 319 12.49 0.79 -14.62
CA GLU A 319 11.75 0.43 -15.83
C GLU A 319 10.32 -0.02 -15.51
N ILE A 320 10.12 -0.73 -14.38
CA ILE A 320 8.78 -1.17 -13.93
C ILE A 320 7.91 0.08 -13.66
N ILE A 321 8.43 1.04 -12.87
CA ILE A 321 7.72 2.27 -12.54
C ILE A 321 7.41 3.09 -13.80
N HIS A 322 8.39 3.23 -14.74
CA HIS A 322 8.13 3.95 -15.98
C HIS A 322 6.97 3.36 -16.76
N GLN A 323 6.92 2.02 -16.90
CA GLN A 323 5.84 1.33 -17.62
C GLN A 323 4.48 1.55 -16.93
N GLN A 324 4.41 1.30 -15.61
CA GLN A 324 3.17 1.43 -14.82
C GLN A 324 2.65 2.86 -14.76
N MET A 325 3.53 3.85 -14.51
CA MET A 325 3.15 5.26 -14.49
C MET A 325 2.71 5.74 -15.86
N GLY A 326 3.31 5.18 -16.92
CA GLY A 326 2.93 5.43 -18.31
C GLY A 326 1.49 5.03 -18.56
N GLY A 327 1.09 3.87 -18.02
CA GLY A 327 -0.28 3.35 -18.10
C GLY A 327 -1.28 4.28 -17.44
N LEU A 328 -0.91 4.78 -16.24
CA LEU A 328 -1.65 5.76 -15.43
C LEU A 328 -1.79 7.07 -16.18
N ARG A 329 -0.69 7.57 -16.81
CA ARG A 329 -0.69 8.77 -17.63
C ARG A 329 -1.69 8.66 -18.79
N SER A 330 -1.70 7.51 -19.51
CA SER A 330 -2.62 7.30 -20.62
C SER A 330 -4.07 7.25 -20.14
N CYS A 331 -4.30 6.72 -18.92
CA CYS A 331 -5.65 6.71 -18.34
C CYS A 331 -6.12 8.15 -18.13
N MET A 332 -5.24 8.99 -17.54
CA MET A 332 -5.50 10.39 -17.23
C MET A 332 -5.83 11.17 -18.50
N GLY A 333 -5.15 10.84 -19.61
CA GLY A 333 -5.48 11.42 -20.92
C GLY A 333 -6.86 11.02 -21.39
N LEU A 334 -7.21 9.71 -21.31
CA LEU A 334 -8.51 9.16 -21.70
C LEU A 334 -9.71 9.68 -20.89
N THR A 335 -9.51 9.94 -19.58
CA THR A 335 -10.57 10.42 -18.67
C THR A 335 -10.60 11.97 -18.51
N GLY A 336 -9.64 12.67 -19.12
CA GLY A 336 -9.52 14.12 -19.01
C GLY A 336 -9.24 14.63 -17.60
N CYS A 337 -8.49 13.86 -16.80
CA CYS A 337 -8.09 14.15 -15.43
C CYS A 337 -6.61 14.50 -15.39
N GLY A 338 -6.29 15.77 -15.24
CA GLY A 338 -4.90 16.25 -15.25
C GLY A 338 -4.06 16.03 -14.02
N THR A 339 -4.71 15.75 -12.89
CA THR A 339 -4.08 15.55 -11.59
C THR A 339 -4.63 14.30 -10.93
N ILE A 340 -3.94 13.78 -9.91
CA ILE A 340 -4.40 12.62 -9.13
C ILE A 340 -5.74 12.96 -8.48
N ASP A 341 -5.87 14.18 -7.91
CA ASP A 341 -7.10 14.65 -7.28
C ASP A 341 -8.28 14.70 -8.23
N GLU A 342 -8.05 15.04 -9.53
CA GLU A 342 -9.12 15.04 -10.51
C GLU A 342 -9.55 13.58 -10.82
N LEU A 343 -8.58 12.66 -10.98
CA LEU A 343 -8.85 11.22 -11.21
C LEU A 343 -9.69 10.63 -10.05
N ARG A 344 -9.30 10.95 -8.78
CA ARG A 344 -9.99 10.56 -7.54
C ARG A 344 -11.44 11.01 -7.46
N THR A 345 -11.76 12.22 -7.96
CA THR A 345 -13.07 12.83 -7.77
C THR A 345 -13.95 12.98 -8.99
N LYS A 346 -13.39 12.94 -10.22
CA LYS A 346 -14.17 13.16 -11.43
C LYS A 346 -14.42 11.89 -12.27
N ALA A 347 -13.41 11.01 -12.43
CA ALA A 347 -13.52 9.83 -13.30
C ALA A 347 -14.67 8.89 -12.90
N GLU A 348 -15.45 8.44 -13.91
CA GLU A 348 -16.62 7.56 -13.76
C GLU A 348 -16.30 6.13 -14.22
N PHE A 349 -17.07 5.16 -13.70
CA PHE A 349 -16.97 3.73 -14.03
C PHE A 349 -18.24 3.20 -14.73
N VAL A 350 -18.11 2.05 -15.40
CA VAL A 350 -19.26 1.28 -15.89
C VAL A 350 -19.06 -0.04 -15.24
N ARG A 351 -20.14 -0.72 -14.86
CA ARG A 351 -20.06 -2.07 -14.31
C ARG A 351 -20.17 -3.05 -15.51
N ILE A 352 -19.31 -4.07 -15.54
CA ILE A 352 -19.34 -5.04 -16.64
C ILE A 352 -19.66 -6.46 -16.11
N SER A 353 -20.13 -7.34 -16.99
CA SER A 353 -20.44 -8.73 -16.62
C SER A 353 -19.14 -9.57 -16.71
N GLY A 354 -19.23 -10.86 -16.41
CA GLY A 354 -18.07 -11.74 -16.60
C GLY A 354 -17.65 -11.84 -18.08
N ALA A 355 -18.63 -11.69 -19.00
CA ALA A 355 -18.43 -11.74 -20.45
C ALA A 355 -17.80 -10.45 -20.94
P IMP B . -0.14 -7.63 -3.75
O1P IMP B . -1.42 -8.02 -4.44
O2P IMP B . 0.84 -8.76 -3.83
O3P IMP B . 0.44 -6.34 -4.19
O5' IMP B . -0.48 -7.45 -2.15
C5' IMP B . 0.48 -7.13 -1.12
C4' IMP B . -0.28 -6.85 0.16
O4' IMP B . -0.83 -8.08 0.67
C3' IMP B . 0.54 -6.30 1.32
O3' IMP B . 0.80 -4.91 1.21
C2' IMP B . -0.32 -6.67 2.53
O2' IMP B . -1.36 -5.75 2.82
C1' IMP B . -0.96 -7.98 2.08
N9 IMP B . -0.36 -9.17 2.71
C8 IMP B . 0.95 -9.40 3.01
N7 IMP B . 1.18 -10.58 3.51
C5 IMP B . -0.06 -11.19 3.53
C6 IMP B . -0.48 -12.54 3.90
O6 IMP B . 0.21 -13.49 4.24
N1 IMP B . -1.84 -12.69 3.75
C2 IMP B . -2.69 -11.75 3.28
N3 IMP B . -2.36 -10.56 2.90
C4 IMP B . -1.03 -10.32 3.06
HOP2 IMP B . 0.78 -9.59 -3.29
HOP3 IMP B . 0.37 -5.60 -3.53
H5'1 IMP B . 1.03 -6.24 -1.40
H5'2 IMP B . 1.16 -7.97 -1.03
H4' IMP B . -1.12 -6.18 -0.05
H3' IMP B . 1.53 -6.75 1.39
HO3' IMP B . 1.10 -4.64 0.31
H2' IMP B . 0.30 -6.78 3.42
HO2' IMP B . -1.88 -5.65 1.98
H1' IMP B . -2.03 -8.01 2.29
H8 IMP B . 1.72 -8.63 2.85
HN1 IMP B . -2.27 -13.54 4.08
H2 IMP B . -3.75 -11.97 3.33
C4 A1AG0 C . -3.10 -13.30 11.03
C5 A1AG0 C . -3.58 -12.58 12.14
C6 A1AG0 C . -2.67 -11.88 12.95
C8 A1AG0 C . -0.89 -12.58 11.62
C9 A1AG0 C . -5.04 -12.55 12.42
C12 A1AG0 C . -7.21 -12.96 12.41
C13 A1AG0 C . -6.92 -11.97 13.29
C3 A1AG0 C . -1.73 -13.32 10.78
C1 A1AG0 C . -1.22 -15.57 9.72
C17 A1AG0 C . -1.66 -12.37 7.84
C18 A1AG0 C . -0.46 -11.62 7.96
C19 A1AG0 C . -0.34 -10.37 7.41
C2 A1AG0 C . -1.19 -14.05 9.59
C20 A1AG0 C . -1.45 -9.83 6.69
C21 A1AG0 C . -2.65 -10.61 6.53
C22 A1AG0 C . -2.70 -11.90 7.10
C23 A1AG0 C . -3.76 -10.02 5.84
C24 A1AG0 C . -3.62 -8.74 5.37
C25 A1AG0 C . -2.41 -8.03 5.54
C27 A1AG0 C . -4.74 -8.06 4.60
C29 A1AG0 C . -6.23 -9.78 5.52
C30 A1AG0 C . -5.08 -10.79 5.72
N10 A1AG0 C . -6.01 -13.31 11.85
N14 A1AG0 C . -5.61 -11.73 13.28
N26 A1AG0 C . -1.39 -8.59 6.16
N7 A1AG0 C . -1.37 -11.89 12.66
O16 A1AG0 C . -1.80 -13.64 8.35
O28 A1AG0 C . -5.89 -8.91 4.44
CL15 A1AG0 C . -8.03 -11.13 14.30
H11 A1AG0 C . -5.88 -14.00 11.17
#